data_8ZWK
#
_entry.id   8ZWK
#
loop_
_entity.id
_entity.type
_entity.pdbx_description
1 polymer Alpha-synuclein
2 polymer "RNA (5'-R(P*AP*AP*A)-3')"
#
loop_
_entity_poly.entity_id
_entity_poly.type
_entity_poly.pdbx_seq_one_letter_code
_entity_poly.pdbx_strand_id
1 'polypeptide(L)'
;MDVFMKGLSKAKEGVVAAAEKTKQGVAEAAGKTKEGVLYVGSKTKEGVVHGVATVAEKTKEQVTNVGGAVVTGVTAVAQK
TVEGAGSIAAATGFVKKDQLGKNEEGAPQEGILEDMPVDPDNEAYEMPSEEGYQDYEPEA
;
A,D,E,B,C,F
2 'polyribonucleotide' AAA Q,G
#
loop_
_chem_comp.id
_chem_comp.type
_chem_comp.name
_chem_comp.formula
A RNA linking ADENOSINE-5'-MONOPHOSPHATE 'C10 H14 N5 O7 P'
#
# COMPACT_ATOMS: atom_id res chain seq x y z
N VAL A 37 10.30 -4.11 41.18
CA VAL A 37 9.58 -3.82 39.94
C VAL A 37 8.65 -2.62 40.15
N LEU A 38 8.92 -1.54 39.43
CA LEU A 38 8.10 -0.34 39.50
C LEU A 38 7.48 0.04 38.16
N TYR A 39 8.24 -0.02 37.08
CA TYR A 39 7.73 0.23 35.73
C TYR A 39 7.06 1.61 35.65
N VAL A 40 7.87 2.65 35.87
CA VAL A 40 7.33 4.00 35.91
C VAL A 40 6.81 4.41 34.53
N GLY A 41 7.67 4.36 33.53
CA GLY A 41 7.28 4.57 32.15
C GLY A 41 7.87 3.47 31.28
N SER A 42 7.84 2.25 31.79
CA SER A 42 8.73 1.18 31.34
C SER A 42 8.63 0.85 29.86
N LYS A 43 7.51 0.29 29.42
CA LYS A 43 7.38 -0.23 28.07
C LYS A 43 6.24 0.49 27.35
N THR A 44 6.55 1.65 26.81
CA THR A 44 5.58 2.43 26.07
C THR A 44 5.93 2.40 24.58
N LYS A 45 4.98 2.84 23.77
CA LYS A 45 5.17 2.98 22.33
C LYS A 45 4.43 4.26 21.95
N GLU A 46 5.14 5.38 21.96
CA GLU A 46 4.55 6.70 21.84
C GLU A 46 5.17 7.47 20.68
N GLY A 47 4.31 8.19 19.95
CA GLY A 47 4.76 8.89 18.76
C GLY A 47 5.32 7.94 17.72
N VAL A 48 4.49 7.03 17.23
CA VAL A 48 4.93 5.94 16.37
C VAL A 48 4.01 5.84 15.17
N VAL A 49 4.58 5.53 14.01
CA VAL A 49 3.83 5.25 12.80
C VAL A 49 4.47 4.02 12.17
N HIS A 50 3.78 2.88 12.22
CA HIS A 50 4.37 1.64 11.72
C HIS A 50 3.34 0.86 10.91
N GLY A 51 3.66 0.65 9.64
CA GLY A 51 2.79 -0.07 8.72
C GLY A 51 2.04 0.88 7.83
N VAL A 52 2.56 1.12 6.63
CA VAL A 52 1.98 2.06 5.68
C VAL A 52 2.26 1.54 4.28
N ALA A 53 1.29 1.69 3.39
CA ALA A 53 1.44 1.30 1.99
C ALA A 53 0.73 2.31 1.13
N THR A 54 1.41 2.83 0.11
CA THR A 54 0.90 3.95 -0.66
C THR A 54 1.23 3.76 -2.12
N VAL A 55 0.32 4.20 -2.99
CA VAL A 55 0.52 4.18 -4.43
C VAL A 55 -0.01 5.51 -4.98
N ALA A 56 0.57 5.94 -6.10
CA ALA A 56 0.14 7.17 -6.75
C ALA A 56 0.51 7.06 -8.22
N GLU A 57 -0.50 6.92 -9.08
CA GLU A 57 -0.21 6.58 -10.48
C GLU A 57 0.17 7.81 -11.29
N LYS A 58 -0.76 8.76 -11.44
CA LYS A 58 -0.52 9.97 -12.22
C LYS A 58 -1.08 11.14 -11.42
N THR A 59 -0.27 11.72 -10.56
CA THR A 59 -0.71 12.77 -9.66
C THR A 59 -0.02 14.08 -10.06
N LYS A 60 -0.65 14.81 -10.98
CA LYS A 60 -0.21 16.16 -11.26
C LYS A 60 -0.42 17.03 -10.03
N GLU A 61 0.61 17.78 -9.65
CA GLU A 61 0.53 18.69 -8.52
C GLU A 61 1.27 19.97 -8.87
N GLN A 62 0.64 21.10 -8.58
CA GLN A 62 1.17 22.39 -8.99
C GLN A 62 0.87 23.43 -7.93
N VAL A 63 1.91 24.09 -7.43
CA VAL A 63 1.78 25.12 -6.42
C VAL A 63 2.33 26.42 -6.97
N THR A 64 1.78 27.54 -6.50
CA THR A 64 2.26 28.86 -6.90
C THR A 64 2.09 29.79 -5.70
N ASN A 65 3.16 29.95 -4.93
CA ASN A 65 3.15 30.77 -3.74
C ASN A 65 3.73 32.14 -4.04
N VAL A 66 3.16 33.17 -3.40
CA VAL A 66 3.69 34.52 -3.49
C VAL A 66 3.67 35.15 -2.10
N GLY A 67 4.81 35.15 -1.43
CA GLY A 67 4.91 35.80 -0.14
C GLY A 67 4.22 35.09 1.01
N GLY A 68 3.98 33.78 0.90
CA GLY A 68 3.32 33.06 1.96
C GLY A 68 4.00 31.76 2.32
N ALA A 69 3.23 30.81 2.84
CA ALA A 69 3.74 29.49 3.19
C ALA A 69 2.85 28.41 2.59
N VAL A 70 3.47 27.29 2.23
CA VAL A 70 2.77 26.16 1.63
C VAL A 70 3.42 24.88 2.12
N VAL A 71 2.60 23.92 2.54
CA VAL A 71 3.09 22.64 3.03
C VAL A 71 2.20 21.55 2.44
N THR A 72 2.73 20.77 1.51
CA THR A 72 1.98 19.70 0.86
C THR A 72 2.72 18.38 1.04
N GLY A 73 1.99 17.29 0.78
CA GLY A 73 2.56 15.96 0.74
C GLY A 73 3.40 15.57 1.94
N VAL A 74 2.76 15.43 3.10
CA VAL A 74 3.41 14.95 4.32
C VAL A 74 2.81 13.59 4.65
N THR A 75 3.68 12.60 4.87
CA THR A 75 3.22 11.24 5.11
C THR A 75 4.22 10.49 5.97
N ALA A 76 3.69 9.64 6.85
CA ALA A 76 4.50 8.74 7.68
C ALA A 76 5.53 9.51 8.49
N VAL A 77 5.05 10.39 9.35
CA VAL A 77 5.89 11.23 10.18
C VAL A 77 5.52 11.01 11.64
N ALA A 78 6.52 11.09 12.52
CA ALA A 78 6.30 10.93 13.94
C ALA A 78 7.37 11.68 14.70
N GLN A 79 7.05 12.07 15.94
CA GLN A 79 8.02 12.72 16.80
C GLN A 79 7.50 12.70 18.23
N LYS A 80 8.40 13.00 19.17
CA LYS A 80 8.02 13.21 20.55
C LYS A 80 8.86 14.34 21.11
N THR A 81 8.20 15.33 21.71
CA THR A 81 8.87 16.47 22.31
C THR A 81 8.57 16.51 23.80
N VAL A 82 9.62 16.72 24.60
CA VAL A 82 9.49 16.86 26.03
C VAL A 82 9.90 18.28 26.40
N GLU A 83 8.98 19.02 27.01
CA GLU A 83 9.20 20.42 27.39
C GLU A 83 9.50 21.27 26.16
N GLY A 84 8.59 21.25 25.20
CA GLY A 84 8.73 22.08 24.02
C GLY A 84 7.45 22.08 23.21
N ALA A 85 7.37 23.03 22.28
CA ALA A 85 6.20 23.18 21.43
C ALA A 85 6.49 22.54 20.09
N GLY A 86 6.02 21.30 19.91
CA GLY A 86 6.30 20.53 18.72
C GLY A 86 5.12 20.51 17.77
N SER A 87 5.35 21.05 16.57
CA SER A 87 4.32 21.13 15.53
C SER A 87 4.82 20.37 14.32
N ILE A 88 4.01 19.41 13.84
CA ILE A 88 4.46 18.55 12.75
C ILE A 88 4.54 19.34 11.45
N ALA A 89 3.39 19.86 10.99
CA ALA A 89 3.33 20.62 9.75
C ALA A 89 2.66 21.95 10.03
N ALA A 90 3.45 22.92 10.49
CA ALA A 90 2.96 24.28 10.69
C ALA A 90 3.20 25.10 9.44
N ALA A 91 2.46 26.19 9.31
CA ALA A 91 2.61 27.10 8.18
C ALA A 91 2.19 28.50 8.65
N THR A 92 3.18 29.32 9.01
CA THR A 92 2.94 30.71 9.38
C THR A 92 3.34 31.57 8.19
N GLY A 93 2.35 32.22 7.57
CA GLY A 93 2.61 32.97 6.36
C GLY A 93 3.46 34.20 6.56
N PHE A 94 3.56 34.70 7.79
CA PHE A 94 4.32 35.90 8.09
C PHE A 94 4.33 36.09 9.60
N VAL A 95 5.39 36.76 10.08
CA VAL A 95 5.47 37.22 11.46
C VAL A 95 6.07 38.62 11.43
N LYS A 96 5.36 39.59 12.03
CA LYS A 96 5.77 40.98 11.98
C LYS A 96 5.66 41.60 13.35
N LYS A 97 6.76 42.18 13.84
CA LYS A 97 6.78 42.94 15.08
C LYS A 97 7.54 44.24 14.78
N ASP A 98 6.83 45.26 14.33
CA ASP A 98 7.45 46.52 13.97
C ASP A 98 7.45 47.48 15.15
N GLN A 99 8.46 48.33 15.20
CA GLN A 99 8.56 49.35 16.24
C GLN A 99 9.12 50.65 15.67
N VAL B 37 15.12 -3.65 40.41
CA VAL B 37 14.39 -3.38 39.17
C VAL B 37 13.45 -2.18 39.36
N LEU B 38 13.72 -1.12 38.61
CA LEU B 38 12.90 0.09 38.66
C LEU B 38 12.27 0.44 37.32
N TYR B 39 13.03 0.35 36.23
CA TYR B 39 12.52 0.58 34.88
C TYR B 39 11.85 1.96 34.78
N VAL B 40 12.65 3.00 34.98
CA VAL B 40 12.11 4.36 34.99
C VAL B 40 11.58 4.72 33.60
N GLY B 41 12.46 4.66 32.60
CA GLY B 41 12.05 4.84 31.22
C GLY B 41 12.64 3.73 30.37
N SER B 42 12.61 2.52 30.91
CA SER B 42 13.51 1.45 30.48
C SER B 42 13.41 1.08 29.01
N LYS B 43 12.28 0.51 28.58
CA LYS B 43 12.16 -0.03 27.23
C LYS B 43 11.02 0.66 26.51
N THR B 44 11.32 1.82 25.94
CA THR B 44 10.35 2.58 25.18
C THR B 44 10.70 2.52 23.70
N LYS B 45 9.74 2.94 22.88
CA LYS B 45 9.92 3.05 21.43
C LYS B 45 9.18 4.33 21.03
N GLU B 46 9.90 5.45 21.02
CA GLU B 46 9.29 6.76 20.87
C GLU B 46 9.90 7.51 19.70
N GLY B 47 9.05 8.21 18.95
CA GLY B 47 9.48 8.89 17.75
C GLY B 47 10.05 7.92 16.74
N VAL B 48 9.23 6.99 16.27
CA VAL B 48 9.67 5.90 15.42
C VAL B 48 8.74 5.76 14.23
N VAL B 49 9.32 5.44 13.07
CA VAL B 49 8.56 5.12 11.86
C VAL B 49 9.21 3.89 11.26
N HIS B 50 8.52 2.75 11.33
CA HIS B 50 9.11 1.50 10.86
C HIS B 50 8.08 0.71 10.07
N GLY B 51 8.40 0.47 8.80
CA GLY B 51 7.54 -0.27 7.89
C GLY B 51 6.78 0.66 6.99
N VAL B 52 7.30 0.87 5.78
CA VAL B 52 6.72 1.80 4.81
C VAL B 52 7.00 1.25 3.42
N ALA B 53 6.01 1.37 2.53
CA ALA B 53 6.18 0.96 1.15
C ALA B 53 5.45 1.96 0.27
N THR B 54 6.13 2.45 -0.76
CA THR B 54 5.62 3.56 -1.56
C THR B 54 5.94 3.34 -3.02
N VAL B 55 5.02 3.75 -3.89
CA VAL B 55 5.22 3.73 -5.33
C VAL B 55 4.69 5.03 -5.90
N ALA B 56 5.26 5.45 -7.03
CA ALA B 56 4.83 6.66 -7.71
C ALA B 56 5.20 6.52 -9.17
N GLU B 57 4.19 6.35 -10.04
CA GLU B 57 4.47 5.99 -11.43
C GLU B 57 4.84 7.21 -12.27
N LYS B 58 3.92 8.15 -12.43
CA LYS B 58 4.15 9.34 -13.23
C LYS B 58 3.58 10.53 -12.46
N THR B 59 4.40 11.13 -11.60
CA THR B 59 3.96 12.20 -10.72
C THR B 59 4.64 13.50 -11.15
N LYS B 60 4.01 14.20 -12.09
CA LYS B 60 4.44 15.56 -12.38
C LYS B 60 4.23 16.45 -11.17
N GLU B 61 5.26 17.21 -10.82
CA GLU B 61 5.18 18.14 -9.70
C GLU B 61 5.91 19.41 -10.09
N GLN B 62 5.28 20.55 -9.81
CA GLN B 62 5.80 21.83 -10.25
C GLN B 62 5.50 22.89 -9.20
N VAL B 63 6.54 23.56 -8.72
CA VAL B 63 6.41 24.61 -7.72
C VAL B 63 6.95 25.91 -8.32
N THR B 64 6.40 27.04 -7.86
CA THR B 64 6.87 28.34 -8.29
C THR B 64 6.70 29.30 -7.11
N ASN B 65 7.77 29.47 -6.35
CA ASN B 65 7.76 30.32 -5.16
C ASN B 65 8.34 31.69 -5.49
N VAL B 66 7.77 32.72 -4.88
CA VAL B 66 8.29 34.08 -4.99
C VAL B 66 8.27 34.74 -3.61
N GLY B 67 9.42 34.74 -2.94
CA GLY B 67 9.52 35.42 -1.66
C GLY B 67 8.83 34.74 -0.51
N GLY B 68 8.59 33.43 -0.59
CA GLY B 68 7.94 32.73 0.49
C GLY B 68 8.62 31.43 0.87
N ALA B 69 7.85 30.49 1.40
CA ALA B 69 8.37 29.18 1.79
C ALA B 69 7.48 28.08 1.22
N VAL B 70 8.10 26.96 0.87
CA VAL B 70 7.41 25.82 0.29
C VAL B 70 8.06 24.55 0.81
N VAL B 71 7.25 23.59 1.25
CA VAL B 71 7.74 22.32 1.76
C VAL B 71 6.85 21.22 1.19
N THR B 72 7.39 20.42 0.27
CA THR B 72 6.65 19.34 -0.34
C THR B 72 7.38 18.02 -0.14
N GLY B 73 6.66 16.93 -0.39
CA GLY B 73 7.23 15.60 -0.39
C GLY B 73 8.07 15.23 0.81
N VAL B 74 7.44 15.12 1.98
CA VAL B 74 8.09 14.66 3.20
C VAL B 74 7.50 13.31 3.56
N THR B 75 8.38 12.33 3.80
CA THR B 75 7.93 10.97 4.06
C THR B 75 8.92 10.23 4.93
N ALA B 76 8.40 9.40 5.83
CA ALA B 76 9.20 8.51 6.68
C ALA B 76 10.25 9.31 7.47
N VAL B 77 9.75 10.21 8.31
CA VAL B 77 10.59 11.08 9.13
C VAL B 77 10.24 10.88 10.59
N ALA B 78 11.24 10.97 11.47
CA ALA B 78 11.02 10.83 12.90
C ALA B 78 12.09 11.61 13.64
N GLN B 79 11.76 12.02 14.87
CA GLN B 79 12.74 12.69 15.72
C GLN B 79 12.22 12.70 17.15
N LYS B 80 13.12 13.02 18.07
CA LYS B 80 12.74 13.26 19.46
C LYS B 80 13.58 14.41 19.99
N THR B 81 12.91 15.40 20.57
CA THR B 81 13.58 16.55 21.14
C THR B 81 13.28 16.63 22.63
N VAL B 82 14.33 16.85 23.42
CA VAL B 82 14.21 17.02 24.87
C VAL B 82 14.62 18.45 25.20
N GLU B 83 13.69 19.20 25.80
CA GLU B 83 13.90 20.60 26.15
C GLU B 83 14.21 21.44 24.90
N GLY B 84 13.29 21.39 23.94
CA GLY B 84 13.43 22.20 22.74
C GLY B 84 12.15 22.17 21.94
N ALA B 85 12.06 23.10 21.00
CA ALA B 85 10.88 23.24 20.14
C ALA B 85 11.18 22.56 18.81
N GLY B 86 10.72 21.32 18.66
CA GLY B 86 10.99 20.53 17.49
C GLY B 86 9.82 20.50 16.53
N SER B 87 10.03 21.01 15.33
CA SER B 87 9.01 21.06 14.29
C SER B 87 9.50 20.28 13.08
N ILE B 88 8.71 19.30 12.63
CA ILE B 88 9.14 18.43 11.55
C ILE B 88 9.21 19.20 10.24
N ALA B 89 8.08 19.71 9.78
CA ALA B 89 8.01 20.44 8.52
C ALA B 89 7.33 21.77 8.78
N ALA B 90 8.11 22.75 9.21
CA ALA B 90 7.62 24.11 9.39
C ALA B 90 7.87 24.91 8.13
N ALA B 91 7.11 26.00 7.98
CA ALA B 91 7.26 26.89 6.83
C ALA B 91 6.83 28.28 7.27
N THR B 92 7.82 29.12 7.61
CA THR B 92 7.58 30.52 7.95
C THR B 92 7.97 31.36 6.75
N GLY B 93 6.98 31.98 6.12
CA GLY B 93 7.23 32.72 4.89
C GLY B 93 8.09 33.95 5.06
N PHE B 94 8.18 34.47 6.29
CA PHE B 94 8.93 35.69 6.55
C PHE B 94 8.95 35.91 8.07
N VAL B 95 10.00 36.59 8.52
CA VAL B 95 10.08 37.08 9.90
C VAL B 95 10.68 38.48 9.84
N LYS B 96 9.97 39.45 10.42
CA LYS B 96 10.37 40.85 10.34
C LYS B 96 10.26 41.49 11.71
N LYS B 97 11.37 42.08 12.18
CA LYS B 97 11.38 42.88 13.40
C LYS B 97 12.15 44.16 13.08
N ASP B 98 11.42 45.17 12.61
CA ASP B 98 12.03 46.43 12.22
C ASP B 98 12.04 47.41 13.39
N GLN B 99 13.05 48.27 13.42
CA GLN B 99 13.16 49.30 14.44
C GLN B 99 13.70 50.60 13.84
N VAL C 37 5.47 -4.58 41.92
CA VAL C 37 4.75 -4.26 40.69
C VAL C 37 3.83 -3.07 40.91
N LEU C 38 4.09 -1.97 40.21
CA LEU C 38 3.28 -0.77 40.31
C LEU C 38 2.66 -0.36 38.99
N TYR C 39 3.43 -0.40 37.90
CA TYR C 39 2.92 -0.12 36.55
C TYR C 39 2.26 1.26 36.50
N VAL C 40 3.07 2.29 36.74
CA VAL C 40 2.54 3.66 36.80
C VAL C 40 2.02 4.08 35.44
N GLY C 41 2.89 4.05 34.43
CA GLY C 41 2.50 4.28 33.05
C GLY C 41 3.07 3.22 32.17
N SER C 42 3.05 1.97 32.66
CA SER C 42 3.94 0.92 32.18
C SER C 42 3.83 0.61 30.70
N LYS C 43 2.71 0.06 30.25
CA LYS C 43 2.59 -0.43 28.88
C LYS C 43 1.45 0.30 28.18
N THR C 44 1.76 1.47 27.66
CA THR C 44 0.80 2.28 26.93
C THR C 44 1.15 2.28 25.44
N LYS C 45 0.21 2.75 24.64
CA LYS C 45 0.39 2.91 23.20
C LYS C 45 -0.34 4.20 22.85
N GLU C 46 0.39 5.32 22.88
CA GLU C 46 -0.21 6.64 22.79
C GLU C 46 0.41 7.42 21.64
N GLY C 47 -0.43 8.16 20.92
CA GLY C 47 0.01 8.88 19.75
C GLY C 47 0.57 7.95 18.70
N VAL C 48 -0.26 7.04 18.19
CA VAL C 48 0.19 5.98 17.30
C VAL C 48 -0.74 5.91 16.10
N VAL C 49 -0.16 5.61 14.94
CA VAL C 49 -0.92 5.36 13.71
C VAL C 49 -0.28 4.14 13.07
N HIS C 50 -0.98 3.01 13.09
CA HIS C 50 -0.39 1.78 12.57
C HIS C 50 -1.42 1.03 11.75
N GLY C 51 -1.10 0.83 10.47
CA GLY C 51 -1.96 0.13 9.54
C GLY C 51 -2.71 1.10 8.65
N VAL C 52 -2.18 1.36 7.46
CA VAL C 52 -2.75 2.32 6.53
C VAL C 52 -2.48 1.84 5.12
N ALA C 53 -3.45 1.99 4.23
CA ALA C 53 -3.29 1.64 2.83
C ALA C 53 -4.00 2.68 1.99
N THR C 54 -3.32 3.21 0.98
CA THR C 54 -3.82 4.35 0.24
C THR C 54 -3.49 4.19 -1.24
N VAL C 55 -4.40 4.65 -2.09
CA VAL C 55 -4.20 4.66 -3.54
C VAL C 55 -4.72 5.99 -4.06
N ALA C 56 -4.14 6.46 -5.17
CA ALA C 56 -4.56 7.70 -5.79
C ALA C 56 -4.19 7.60 -7.27
N GLU C 57 -5.19 7.49 -8.14
CA GLU C 57 -4.91 7.18 -9.54
C GLU C 57 -4.52 8.42 -10.33
N LYS C 58 -5.44 9.38 -10.45
CA LYS C 58 -5.20 10.60 -11.21
C LYS C 58 -5.76 11.76 -10.39
N THR C 59 -4.94 12.31 -9.51
CA THR C 59 -5.38 13.35 -8.59
C THR C 59 -4.69 14.67 -8.96
N LYS C 60 -5.31 15.42 -9.87
CA LYS C 60 -4.86 16.77 -10.12
C LYS C 60 -5.08 17.62 -8.87
N GLU C 61 -4.05 18.35 -8.48
CA GLU C 61 -4.12 19.24 -7.33
C GLU C 61 -3.38 20.52 -7.66
N GLN C 62 -4.00 21.66 -7.35
CA GLN C 62 -3.47 22.96 -7.73
C GLN C 62 -3.77 23.97 -6.64
N VAL C 63 -2.72 24.61 -6.14
CA VAL C 63 -2.85 25.63 -5.10
C VAL C 63 -2.29 26.94 -5.63
N THR C 64 -2.84 28.05 -5.13
CA THR C 64 -2.36 29.37 -5.51
C THR C 64 -2.53 30.28 -4.29
N ASN C 65 -1.46 30.42 -3.52
CA ASN C 65 -1.48 31.22 -2.31
C ASN C 65 -0.88 32.59 -2.58
N VAL C 66 -1.44 33.61 -1.93
CA VAL C 66 -0.91 34.97 -1.98
C VAL C 66 -0.94 35.56 -0.57
N GLY C 67 0.21 35.53 0.09
CA GLY C 67 0.30 36.17 1.40
C GLY C 67 -0.39 35.44 2.53
N GLY C 68 -0.64 34.14 2.39
CA GLY C 68 -1.30 33.40 3.45
C GLY C 68 -0.63 32.08 3.77
N ALA C 69 -1.41 31.12 4.27
CA ALA C 69 -0.90 29.80 4.60
C ALA C 69 -1.79 28.73 3.97
N VAL C 70 -1.18 27.62 3.59
CA VAL C 70 -1.88 26.50 2.96
C VAL C 70 -1.24 25.21 3.43
N VAL C 71 -2.06 24.24 3.83
CA VAL C 71 -1.58 22.95 4.29
C VAL C 71 -2.47 21.87 3.68
N THR C 72 -1.94 21.11 2.74
CA THR C 72 -2.69 20.06 2.07
C THR C 72 -1.96 18.73 2.22
N GLY C 73 -2.69 17.66 1.93
CA GLY C 73 -2.12 16.32 1.87
C GLY C 73 -1.29 15.90 3.07
N VAL C 74 -1.93 15.75 4.22
CA VAL C 74 -1.28 15.24 5.43
C VAL C 74 -1.88 13.88 5.73
N THR C 75 -1.02 12.89 5.94
CA THR C 75 -1.48 11.52 6.14
C THR C 75 -0.50 10.74 7.00
N ALA C 76 -1.02 9.87 7.85
CA ALA C 76 -0.23 8.95 8.67
C ALA C 76 0.81 9.70 9.49
N VAL C 77 0.32 10.57 10.38
CA VAL C 77 1.17 11.40 11.22
C VAL C 77 0.80 11.14 12.68
N ALA C 78 1.79 11.20 13.55
CA ALA C 78 1.57 11.01 14.98
C ALA C 78 2.64 11.75 15.76
N GLN C 79 2.33 12.11 17.00
CA GLN C 79 3.30 12.73 17.88
C GLN C 79 2.77 12.70 19.30
N LYS C 80 3.66 12.97 20.25
CA LYS C 80 3.29 13.16 21.64
C LYS C 80 4.13 14.28 22.22
N THR C 81 3.48 15.25 22.84
CA THR C 81 4.15 16.37 23.46
C THR C 81 3.85 16.39 24.94
N VAL C 82 4.89 16.58 25.75
CA VAL C 82 4.76 16.69 27.20
C VAL C 82 5.17 18.10 27.59
N GLU C 83 4.25 18.83 28.21
CA GLU C 83 4.47 20.22 28.62
C GLU C 83 4.79 21.11 27.41
N GLY C 84 3.88 21.10 26.44
CA GLY C 84 4.03 21.96 25.28
C GLY C 84 2.76 21.97 24.47
N ALA C 85 2.67 22.93 23.56
CA ALA C 85 1.50 23.12 22.71
C ALA C 85 1.80 22.49 21.36
N GLY C 86 1.32 21.27 21.16
CA GLY C 86 1.60 20.52 19.95
C GLY C 86 0.43 20.52 18.99
N SER C 87 0.65 21.09 17.81
CA SER C 87 -0.37 21.19 16.77
C SER C 87 0.12 20.45 15.53
N ILE C 88 -0.68 19.50 15.05
CA ILE C 88 -0.24 18.66 13.94
C ILE C 88 -0.16 19.47 12.65
N ALA C 89 -1.29 20.02 12.21
CA ALA C 89 -1.35 20.80 10.97
C ALA C 89 -2.02 22.12 11.30
N ALA C 90 -1.23 23.08 11.76
CA ALA C 90 -1.70 24.43 12.00
C ALA C 90 -1.46 25.28 10.76
N ALA C 91 -2.21 26.38 10.65
CA ALA C 91 -2.05 27.31 9.54
C ALA C 91 -2.46 28.70 10.04
N THR C 92 -1.48 29.51 10.41
CA THR C 92 -1.70 30.89 10.81
C THR C 92 -1.30 31.78 9.65
N GLY C 93 -2.29 32.43 9.03
CA GLY C 93 -2.02 33.21 7.84
C GLY C 93 -1.17 34.44 8.06
N PHE C 94 -1.07 34.91 9.30
CA PHE C 94 -0.31 36.11 9.62
C PHE C 94 -0.29 36.27 11.13
N VAL C 95 0.76 36.92 11.62
CA VAL C 95 0.84 37.35 13.02
C VAL C 95 1.43 38.75 13.03
N LYS C 96 0.74 39.71 13.64
CA LYS C 96 1.15 41.10 13.62
C LYS C 96 1.04 41.69 15.01
N LYS C 97 2.14 42.25 15.50
CA LYS C 97 2.16 43.00 16.76
C LYS C 97 2.93 44.29 16.49
N ASP C 98 2.22 45.33 16.05
CA ASP C 98 2.85 46.59 15.72
C ASP C 98 2.84 47.52 16.93
N GLN C 99 3.87 48.37 16.99
CA GLN C 99 3.97 49.37 18.05
C GLN C 99 4.53 50.68 17.51
N VAL E 37 -5.69 4.03 -41.76
CA VAL E 37 -6.01 3.82 -40.35
C VAL E 37 -7.13 2.79 -40.22
N LEU E 38 -6.81 1.64 -39.60
CA LEU E 38 -7.79 0.59 -39.38
C LEU E 38 -7.99 0.26 -37.91
N TYR E 39 -6.91 0.16 -37.14
CA TYR E 39 -6.98 -0.05 -35.69
C TYR E 39 -7.79 -1.31 -35.37
N VAL E 40 -7.28 -2.45 -35.83
CA VAL E 40 -8.01 -3.71 -35.66
C VAL E 40 -8.10 -4.08 -34.19
N GLY E 41 -6.95 -4.20 -33.53
CA GLY E 41 -6.90 -4.40 -32.09
C GLY E 41 -5.90 -3.44 -31.49
N SER E 42 -5.89 -2.20 -31.98
CA SER E 42 -4.75 -1.31 -31.88
C SER E 42 -4.30 -1.02 -30.45
N LYS E 43 -5.12 -0.31 -29.68
CA LYS E 43 -4.69 0.18 -28.36
C LYS E 43 -5.64 -0.37 -27.29
N THR E 44 -5.36 -1.59 -26.87
CA THR E 44 -6.13 -2.24 -25.83
C THR E 44 -5.32 -2.32 -24.55
N LYS E 45 -6.00 -2.64 -23.46
CA LYS E 45 -5.38 -2.85 -22.15
C LYS E 45 -6.14 -4.02 -21.53
N GLU E 46 -5.65 -5.23 -21.77
CA GLU E 46 -6.37 -6.45 -21.43
C GLU E 46 -5.55 -7.34 -20.52
N GLY E 47 -6.20 -7.94 -19.53
CA GLY E 47 -5.51 -8.75 -18.54
C GLY E 47 -4.49 -7.94 -17.78
N VAL E 48 -4.96 -6.93 -17.05
CA VAL E 48 -4.09 -5.95 -16.40
C VAL E 48 -4.55 -5.75 -14.97
N VAL E 49 -3.58 -5.58 -14.07
CA VAL E 49 -3.84 -5.22 -12.68
C VAL E 49 -2.83 -4.13 -12.32
N HIS E 50 -3.31 -2.90 -12.15
CA HIS E 50 -2.41 -1.79 -11.91
C HIS E 50 -2.97 -0.89 -10.82
N GLY E 51 -2.23 -0.78 -9.73
CA GLY E 51 -2.61 0.03 -8.59
C GLY E 51 -3.17 -0.83 -7.48
N VAL E 52 -2.32 -1.18 -6.52
CA VAL E 52 -2.69 -2.05 -5.41
C VAL E 52 -1.89 -1.63 -4.19
N ALA E 53 -2.53 -1.65 -3.02
CA ALA E 53 -1.86 -1.35 -1.77
C ALA E 53 -2.41 -2.27 -0.70
N THR E 54 -1.51 -2.92 0.04
CA THR E 54 -1.91 -3.98 0.95
C THR E 54 -1.09 -3.90 2.24
N VAL E 55 -1.72 -4.22 3.36
CA VAL E 55 -1.07 -4.29 4.65
C VAL E 55 -1.59 -5.53 5.36
N ALA E 56 -0.75 -6.09 6.23
CA ALA E 56 -1.13 -7.26 7.02
C ALA E 56 -0.28 -7.26 8.28
N GLU E 57 -0.91 -6.99 9.42
CA GLU E 57 -0.13 -6.76 10.64
C GLU E 57 0.30 -8.06 11.30
N LYS E 58 -0.66 -8.86 11.76
CA LYS E 58 -0.38 -10.13 12.45
C LYS E 58 -1.35 -11.16 11.90
N THR E 59 -0.96 -11.83 10.82
CA THR E 59 -1.83 -12.77 10.14
C THR E 59 -1.28 -14.17 10.31
N LYS E 60 -1.66 -14.82 11.40
CA LYS E 60 -1.38 -16.25 11.54
C LYS E 60 -2.11 -17.02 10.46
N GLU E 61 -1.40 -17.92 9.78
CA GLU E 61 -2.00 -18.76 8.75
C GLU E 61 -1.40 -20.15 8.87
N GLN E 62 -2.25 -21.16 8.82
CA GLN E 62 -1.82 -22.53 9.05
C GLN E 62 -2.62 -23.47 8.17
N VAL E 63 -1.92 -24.26 7.37
CA VAL E 63 -2.54 -25.22 6.46
C VAL E 63 -2.05 -26.62 6.83
N THR E 64 -2.89 -27.61 6.58
CA THR E 64 -2.52 -29.01 6.83
C THR E 64 -3.22 -29.86 5.77
N ASN E 65 -2.50 -30.15 4.70
CA ASN E 65 -3.05 -30.92 3.59
C ASN E 65 -2.61 -32.38 3.70
N VAL E 66 -3.51 -33.28 3.31
CA VAL E 66 -3.21 -34.70 3.24
C VAL E 66 -3.79 -35.26 1.95
N GLY E 67 -2.94 -35.41 0.94
CA GLY E 67 -3.38 -36.03 -0.31
C GLY E 67 -4.29 -35.18 -1.17
N GLY E 68 -4.27 -33.86 -1.01
CA GLY E 68 -5.12 -33.00 -1.81
C GLY E 68 -4.40 -31.80 -2.39
N ALA E 69 -5.14 -30.72 -2.64
CA ALA E 69 -4.57 -29.50 -3.17
C ALA E 69 -5.04 -28.32 -2.33
N VAL E 70 -4.16 -27.32 -2.21
CA VAL E 70 -4.44 -26.12 -1.42
C VAL E 70 -3.79 -24.94 -2.13
N VAL E 71 -4.54 -23.84 -2.27
CA VAL E 71 -4.05 -22.63 -2.92
C VAL E 71 -4.52 -21.44 -2.09
N THR E 72 -3.58 -20.80 -1.39
CA THR E 72 -3.90 -19.64 -0.56
C THR E 72 -3.06 -18.44 -0.99
N GLY E 73 -3.47 -17.27 -0.52
CA GLY E 73 -2.72 -16.04 -0.70
C GLY E 73 -2.29 -15.73 -2.12
N VAL E 74 -3.24 -15.47 -3.01
CA VAL E 74 -2.97 -15.05 -4.37
C VAL E 74 -3.40 -13.60 -4.52
N THR E 75 -2.52 -12.75 -5.03
CA THR E 75 -2.80 -11.33 -5.12
C THR E 75 -2.04 -10.71 -6.28
N ALA E 76 -2.69 -9.75 -6.95
CA ALA E 76 -2.08 -8.96 -8.01
C ALA E 76 -1.49 -9.85 -9.10
N VAL E 77 -2.38 -10.61 -9.74
CA VAL E 77 -2.00 -11.55 -10.79
C VAL E 77 -2.78 -11.22 -12.05
N ALA E 78 -2.15 -11.42 -13.21
CA ALA E 78 -2.80 -11.17 -14.48
C ALA E 78 -2.17 -12.05 -15.54
N GLN E 79 -2.95 -12.35 -16.59
CA GLN E 79 -2.43 -13.10 -17.72
C GLN E 79 -3.38 -12.96 -18.89
N LYS E 80 -2.90 -13.36 -20.07
CA LYS E 80 -3.74 -13.46 -21.24
C LYS E 80 -3.33 -14.69 -22.03
N THR E 81 -4.29 -15.53 -22.36
CA THR E 81 -4.05 -16.74 -23.13
C THR E 81 -4.82 -16.69 -24.43
N VAL E 82 -4.14 -17.02 -25.53
CA VAL E 82 -4.76 -17.09 -26.85
C VAL E 82 -4.72 -18.55 -27.30
N GLU E 83 -5.90 -19.12 -27.56
CA GLU E 83 -6.04 -20.51 -27.96
C GLU E 83 -5.49 -21.45 -26.89
N GLY E 84 -6.01 -21.32 -25.67
CA GLY E 84 -5.63 -22.21 -24.59
C GLY E 84 -6.55 -22.03 -23.41
N ALA E 85 -6.47 -22.99 -22.50
CA ALA E 85 -7.31 -22.99 -21.30
C ALA E 85 -6.49 -22.44 -20.13
N GLY E 86 -6.67 -21.16 -19.84
CA GLY E 86 -5.90 -20.49 -18.82
C GLY E 86 -6.67 -20.33 -17.52
N SER E 87 -6.17 -20.94 -16.46
CA SER E 87 -6.78 -20.89 -15.15
C SER E 87 -5.80 -20.26 -14.17
N ILE E 88 -6.24 -19.20 -13.49
CA ILE E 88 -5.33 -18.46 -12.61
C ILE E 88 -4.96 -19.30 -11.40
N ALA E 89 -5.95 -19.66 -10.58
CA ALA E 89 -5.72 -20.44 -9.37
C ALA E 89 -6.65 -21.64 -9.40
N ALA E 90 -6.22 -22.70 -10.06
CA ALA E 90 -6.95 -23.96 -10.08
C ALA E 90 -6.44 -24.86 -8.97
N ALA E 91 -7.27 -25.82 -8.58
CA ALA E 91 -6.90 -26.79 -7.55
C ALA E 91 -7.67 -28.08 -7.82
N THR E 92 -7.00 -29.03 -8.47
CA THR E 92 -7.55 -30.35 -8.72
C THR E 92 -6.92 -31.32 -7.72
N GLY E 93 -7.74 -31.81 -6.79
CA GLY E 93 -7.22 -32.64 -5.71
C GLY E 93 -6.69 -33.98 -6.17
N PHE E 94 -7.08 -34.44 -7.35
CA PHE E 94 -6.67 -35.74 -7.86
C PHE E 94 -7.18 -35.88 -9.29
N VAL E 95 -6.46 -36.68 -10.08
CA VAL E 95 -6.91 -37.10 -11.40
C VAL E 95 -6.57 -38.57 -11.56
N LYS E 96 -7.58 -39.40 -11.86
CA LYS E 96 -7.40 -40.83 -11.92
C LYS E 96 -8.05 -41.38 -13.18
N LYS E 97 -7.27 -42.10 -13.99
CA LYS E 97 -7.80 -42.82 -15.15
C LYS E 97 -7.19 -44.22 -15.11
N ASP E 98 -7.86 -45.14 -14.42
CA ASP E 98 -7.37 -46.49 -14.26
C ASP E 98 -7.91 -47.40 -15.37
N GLN E 99 -7.12 -48.40 -15.73
CA GLN E 99 -7.52 -49.37 -16.73
C GLN E 99 -7.03 -50.76 -16.35
N VAL F 37 -1.03 2.80 -42.63
CA VAL F 37 -1.34 2.61 -41.22
C VAL F 37 -2.46 1.58 -41.05
N LEU F 38 -2.13 0.46 -40.42
CA LEU F 38 -3.10 -0.60 -40.18
C LEU F 38 -3.30 -0.89 -38.71
N TYR F 39 -2.23 -0.98 -37.93
CA TYR F 39 -2.29 -1.17 -36.48
C TYR F 39 -3.10 -2.42 -36.13
N VAL F 40 -2.58 -3.57 -36.57
CA VAL F 40 -3.30 -4.83 -36.38
C VAL F 40 -3.39 -5.16 -34.89
N GLY F 41 -2.25 -5.26 -34.23
CA GLY F 41 -2.20 -5.43 -32.79
C GLY F 41 -1.20 -4.46 -32.21
N SER F 42 -1.20 -3.24 -32.72
CA SER F 42 -0.06 -2.34 -32.63
C SER F 42 0.39 -2.01 -31.22
N LYS F 43 -0.43 -1.29 -30.45
CA LYS F 43 0.00 -0.78 -29.15
C LYS F 43 -0.94 -1.31 -28.08
N THR F 44 -0.66 -2.52 -27.63
CA THR F 44 -1.43 -3.16 -26.58
C THR F 44 -0.61 -3.21 -25.29
N LYS F 45 -1.29 -3.51 -24.20
CA LYS F 45 -0.67 -3.69 -22.89
C LYS F 45 -1.42 -4.85 -22.24
N GLU F 46 -0.93 -6.07 -22.45
CA GLU F 46 -1.65 -7.27 -22.09
C GLU F 46 -0.81 -8.15 -21.16
N GLY F 47 -1.47 -8.74 -20.17
CA GLY F 47 -0.78 -9.52 -19.16
C GLY F 47 0.23 -8.69 -18.41
N VAL F 48 -0.23 -7.66 -17.71
CA VAL F 48 0.63 -6.68 -17.08
C VAL F 48 0.19 -6.44 -15.65
N VAL F 49 1.15 -6.25 -14.76
CA VAL F 49 0.90 -5.87 -13.37
C VAL F 49 1.89 -4.77 -13.04
N HIS F 50 1.41 -3.54 -12.90
CA HIS F 50 2.32 -2.42 -12.67
C HIS F 50 1.75 -1.50 -11.60
N GLY F 51 2.50 -1.36 -10.51
CA GLY F 51 2.11 -0.53 -9.38
C GLY F 51 1.55 -1.37 -8.26
N VAL F 52 2.40 -1.70 -7.29
CA VAL F 52 2.03 -2.55 -6.17
C VAL F 52 2.84 -2.10 -4.96
N ALA F 53 2.20 -2.11 -3.79
CA ALA F 53 2.87 -1.77 -2.54
C ALA F 53 2.32 -2.68 -1.45
N THR F 54 3.22 -3.32 -0.71
CA THR F 54 2.83 -4.35 0.23
C THR F 54 3.66 -4.25 1.51
N VAL F 55 3.02 -4.55 2.64
CA VAL F 55 3.68 -4.59 3.94
C VAL F 55 3.18 -5.83 4.67
N ALA F 56 4.02 -6.36 5.54
CA ALA F 56 3.63 -7.51 6.36
C ALA F 56 4.48 -7.48 7.61
N GLU F 57 3.87 -7.20 8.75
CA GLU F 57 4.64 -6.93 9.96
C GLU F 57 5.08 -8.23 10.65
N LYS F 58 4.12 -9.02 11.14
CA LYS F 58 4.40 -10.26 11.84
C LYS F 58 3.43 -11.31 11.31
N THR F 59 3.83 -12.00 10.26
CA THR F 59 2.95 -12.96 9.58
C THR F 59 3.51 -14.36 9.78
N LYS F 60 3.13 -15.00 10.89
CA LYS F 60 3.42 -16.41 11.05
C LYS F 60 2.69 -17.22 9.99
N GLU F 61 3.40 -18.11 9.33
CA GLU F 61 2.81 -18.97 8.33
C GLU F 61 3.41 -20.37 8.47
N GLN F 62 2.56 -21.38 8.43
CA GLN F 62 2.99 -22.74 8.69
C GLN F 62 2.20 -23.70 7.83
N VAL F 63 2.90 -24.51 7.04
CA VAL F 63 2.29 -25.49 6.16
C VAL F 63 2.78 -26.87 6.56
N THR F 64 1.94 -27.88 6.32
CA THR F 64 2.31 -29.27 6.61
C THR F 64 1.62 -30.13 5.56
N ASN F 65 2.33 -30.45 4.49
CA ASN F 65 1.80 -31.24 3.40
C ASN F 65 2.23 -32.69 3.53
N VAL F 66 1.33 -33.60 3.16
CA VAL F 66 1.63 -35.03 3.12
C VAL F 66 1.06 -35.61 1.84
N GLY F 67 1.90 -35.78 0.82
CA GLY F 67 1.47 -36.43 -0.40
C GLY F 67 0.56 -35.59 -1.27
N GLY F 68 0.57 -34.27 -1.15
CA GLY F 68 -0.29 -33.43 -1.96
C GLY F 68 0.43 -32.24 -2.57
N ALA F 69 -0.31 -31.18 -2.83
CA ALA F 69 0.25 -29.96 -3.38
C ALA F 69 -0.22 -28.76 -2.57
N VAL F 70 0.66 -27.76 -2.47
CA VAL F 70 0.38 -26.54 -1.70
C VAL F 70 1.02 -25.37 -2.43
N VAL F 71 0.26 -24.29 -2.59
CA VAL F 71 0.75 -23.09 -3.27
C VAL F 71 0.29 -21.89 -2.46
N THR F 72 1.21 -21.22 -1.78
CA THR F 72 0.90 -20.05 -0.97
C THR F 72 1.73 -18.85 -1.43
N GLY F 73 1.31 -17.68 -0.98
CA GLY F 73 2.06 -16.45 -1.19
C GLY F 73 2.49 -16.17 -2.61
N VAL F 74 1.53 -15.93 -3.49
CA VAL F 74 1.81 -15.53 -4.88
C VAL F 74 1.36 -14.09 -5.04
N THR F 75 2.24 -13.25 -5.58
CA THR F 75 1.95 -11.83 -5.69
C THR F 75 2.71 -11.22 -6.87
N ALA F 76 2.07 -10.29 -7.55
CA ALA F 76 2.68 -9.51 -8.63
C ALA F 76 3.26 -10.42 -9.71
N VAL F 77 2.38 -11.20 -10.34
CA VAL F 77 2.76 -12.16 -11.36
C VAL F 77 1.97 -11.86 -12.62
N ALA F 78 2.60 -12.08 -13.78
CA ALA F 78 1.95 -11.86 -15.06
C ALA F 78 2.57 -12.76 -16.11
N GLN F 79 1.81 -13.07 -17.14
CA GLN F 79 2.33 -13.84 -18.26
C GLN F 79 1.36 -13.72 -19.43
N LYS F 80 1.84 -14.15 -20.60
CA LYS F 80 1.01 -14.28 -21.78
C LYS F 80 1.43 -15.52 -22.54
N THR F 81 0.46 -16.37 -22.85
CA THR F 81 0.71 -17.59 -23.59
C THR F 81 -0.07 -17.57 -24.90
N VAL F 82 0.60 -17.93 -25.98
CA VAL F 82 -0.01 -18.02 -27.30
C VAL F 82 0.03 -19.48 -27.72
N GLU F 83 -1.14 -20.06 -27.97
CA GLU F 83 -1.28 -21.46 -28.35
C GLU F 83 -0.72 -22.38 -27.26
N GLY F 84 -1.25 -22.23 -26.05
CA GLY F 84 -0.85 -23.09 -24.95
C GLY F 84 -1.77 -22.89 -23.77
N ALA F 85 -1.69 -23.83 -22.83
CA ALA F 85 -2.53 -23.81 -21.64
C ALA F 85 -1.71 -23.25 -20.49
N GLY F 86 -1.90 -21.96 -20.21
CA GLY F 86 -1.13 -21.26 -19.21
C GLY F 86 -1.90 -21.07 -17.92
N SER F 87 -1.38 -21.66 -16.85
CA SER F 87 -2.00 -21.58 -15.53
C SER F 87 -1.02 -20.94 -14.56
N ILE F 88 -1.46 -19.87 -13.90
CA ILE F 88 -0.56 -19.11 -13.05
C ILE F 88 -0.18 -19.92 -11.81
N ALA F 89 -1.16 -20.27 -10.99
CA ALA F 89 -0.93 -21.03 -9.76
C ALA F 89 -1.86 -22.23 -9.77
N ALA F 90 -1.42 -23.31 -10.41
CA ALA F 90 -2.15 -24.56 -10.40
C ALA F 90 -1.63 -25.43 -9.27
N ALA F 91 -2.47 -26.39 -8.86
CA ALA F 91 -2.09 -27.34 -7.81
C ALA F 91 -2.85 -28.64 -8.07
N THR F 92 -2.18 -29.60 -8.69
CA THR F 92 -2.73 -30.93 -8.91
C THR F 92 -2.10 -31.87 -7.89
N GLY F 93 -2.92 -32.35 -6.96
CA GLY F 93 -2.39 -33.16 -5.87
C GLY F 93 -1.85 -34.50 -6.30
N PHE F 94 -2.25 -34.99 -7.47
CA PHE F 94 -1.83 -36.30 -7.95
C PHE F 94 -2.33 -36.47 -9.38
N VAL F 95 -1.63 -37.28 -10.15
CA VAL F 95 -2.07 -37.72 -11.47
C VAL F 95 -1.73 -39.20 -11.58
N LYS F 96 -2.73 -40.04 -11.88
CA LYS F 96 -2.55 -41.48 -11.91
C LYS F 96 -3.21 -42.05 -13.15
N LYS F 97 -2.43 -42.78 -13.95
CA LYS F 97 -2.94 -43.52 -15.10
C LYS F 97 -2.33 -44.92 -15.03
N ASP F 98 -3.00 -45.82 -14.33
CA ASP F 98 -2.50 -47.18 -14.14
C ASP F 98 -3.05 -48.10 -15.22
N GLN F 99 -2.24 -49.11 -15.58
CA GLN F 99 -2.65 -50.11 -16.56
C GLN F 99 -2.14 -51.49 -16.14
N VAL G 37 -10.36 5.27 -40.86
CA VAL G 37 -10.68 5.02 -39.47
C VAL G 37 -11.80 4.00 -39.34
N LEU G 38 -11.49 2.85 -38.76
CA LEU G 38 -12.47 1.79 -38.57
C LEU G 38 -12.67 1.43 -37.09
N TYR G 39 -11.59 1.32 -36.32
CA TYR G 39 -11.67 1.07 -34.88
C TYR G 39 -12.48 -0.19 -34.58
N VAL G 40 -11.98 -1.33 -35.07
CA VAL G 40 -12.71 -2.59 -34.93
C VAL G 40 -12.80 -2.98 -33.46
N GLY G 41 -11.65 -3.12 -32.80
CA GLY G 41 -11.61 -3.34 -31.37
C GLY G 41 -10.60 -2.40 -30.74
N SER G 42 -10.59 -1.16 -31.21
CA SER G 42 -9.45 -0.27 -31.09
C SER G 42 -9.00 -0.01 -29.66
N LYS G 43 -9.81 0.70 -28.87
CA LYS G 43 -9.40 1.15 -27.54
C LYS G 43 -10.34 0.58 -26.48
N THR G 44 -10.07 -0.65 -26.08
CA THR G 44 -10.84 -1.32 -25.06
C THR G 44 -10.03 -1.43 -23.78
N LYS G 45 -10.72 -1.77 -22.70
CA LYS G 45 -10.10 -2.01 -21.40
C LYS G 45 -10.86 -3.19 -20.80
N GLU G 46 -10.38 -4.40 -21.06
CA GLU G 46 -11.10 -5.62 -20.75
C GLU G 46 -10.28 -6.52 -19.86
N GLY G 47 -10.94 -7.15 -18.89
CA GLY G 47 -10.25 -7.98 -17.91
C GLY G 47 -9.24 -7.18 -17.13
N VAL G 48 -9.70 -6.18 -16.38
CA VAL G 48 -8.83 -5.23 -15.71
C VAL G 48 -9.29 -5.06 -14.27
N VAL G 49 -8.32 -4.89 -13.37
CA VAL G 49 -8.57 -4.58 -11.97
C VAL G 49 -7.57 -3.49 -11.60
N HIS G 50 -8.04 -2.27 -11.41
CA HIS G 50 -7.13 -1.16 -11.14
C HIS G 50 -7.70 -0.28 -10.03
N GLY G 51 -6.96 -0.19 -8.93
CA GLY G 51 -7.34 0.59 -7.78
C GLY G 51 -7.89 -0.28 -6.68
N VAL G 52 -7.06 -0.66 -5.73
CA VAL G 52 -7.43 -1.55 -4.64
C VAL G 52 -6.63 -1.16 -3.41
N ALA G 53 -7.27 -1.21 -2.25
CA ALA G 53 -6.61 -0.93 -0.99
C ALA G 53 -7.15 -1.87 0.07
N THR G 54 -6.26 -2.54 0.79
CA THR G 54 -6.66 -3.61 1.69
C THR G 54 -5.85 -3.55 2.97
N VAL G 55 -6.49 -3.89 4.09
CA VAL G 55 -5.82 -4.00 5.38
C VAL G 55 -6.34 -5.25 6.06
N ALA G 56 -5.51 -5.83 6.92
CA ALA G 56 -5.90 -7.02 7.68
C ALA G 56 -5.04 -7.05 8.94
N GLU G 57 -5.67 -6.80 10.09
CA GLU G 57 -4.91 -6.58 11.31
C GLU G 57 -4.48 -7.90 11.95
N LYS G 58 -5.44 -8.71 12.40
CA LYS G 58 -5.16 -9.99 13.06
C LYS G 58 -6.14 -11.01 12.48
N THR G 59 -5.75 -11.66 11.40
CA THR G 59 -6.63 -12.58 10.68
C THR G 59 -6.07 -13.99 10.83
N LYS G 60 -6.47 -14.67 11.91
CA LYS G 60 -6.19 -16.09 12.02
C LYS G 60 -6.92 -16.85 10.93
N GLU G 61 -6.21 -17.72 10.23
CA GLU G 61 -6.80 -18.54 9.19
C GLU G 61 -6.20 -19.94 9.28
N GLN G 62 -7.07 -20.95 9.21
CA GLN G 62 -6.65 -22.32 9.41
C GLN G 62 -7.45 -23.24 8.50
N VAL G 63 -6.75 -24.02 7.69
CA VAL G 63 -7.37 -24.96 6.77
C VAL G 63 -6.88 -26.36 7.11
N THR G 64 -7.72 -27.35 6.83
CA THR G 64 -7.36 -28.75 7.06
C THR G 64 -8.06 -29.57 5.98
N ASN G 65 -7.35 -29.85 4.90
CA ASN G 65 -7.89 -30.59 3.78
C ASN G 65 -7.46 -32.05 3.85
N VAL G 66 -8.36 -32.94 3.45
CA VAL G 66 -8.06 -34.36 3.35
C VAL G 66 -8.65 -34.90 2.05
N GLY G 67 -7.79 -35.03 1.03
CA GLY G 67 -8.24 -35.62 -0.22
C GLY G 67 -9.14 -34.75 -1.07
N GLY G 68 -9.11 -33.44 -0.88
CA GLY G 68 -9.97 -32.56 -1.66
C GLY G 68 -9.24 -31.36 -2.23
N ALA G 69 -9.98 -30.27 -2.45
CA ALA G 69 -9.40 -29.03 -2.95
C ALA G 69 -9.86 -27.86 -2.08
N VAL G 70 -8.99 -26.87 -1.96
CA VAL G 70 -9.26 -25.69 -1.14
C VAL G 70 -8.61 -24.49 -1.82
N VAL G 71 -9.35 -23.39 -1.94
CA VAL G 71 -8.86 -22.17 -2.56
C VAL G 71 -9.32 -21.00 -1.71
N THR G 72 -8.39 -20.36 -1.00
CA THR G 72 -8.70 -19.23 -0.15
C THR G 72 -7.86 -18.03 -0.55
N GLY G 73 -8.27 -16.86 -0.06
CA GLY G 73 -7.51 -15.64 -0.22
C GLY G 73 -7.08 -15.30 -1.62
N VAL G 74 -8.03 -15.01 -2.51
CA VAL G 74 -7.75 -14.56 -3.86
C VAL G 74 -8.18 -13.11 -3.99
N THR G 75 -7.29 -12.26 -4.48
CA THR G 75 -7.57 -10.84 -4.54
C THR G 75 -6.81 -10.19 -5.68
N ALA G 76 -7.45 -9.22 -6.33
CA ALA G 76 -6.83 -8.40 -7.37
C ALA G 76 -6.25 -9.28 -8.49
N VAL G 77 -7.13 -10.03 -9.14
CA VAL G 77 -6.76 -10.95 -10.21
C VAL G 77 -7.54 -10.59 -11.46
N ALA G 78 -6.91 -10.76 -12.62
CA ALA G 78 -7.57 -10.49 -13.89
C ALA G 78 -6.94 -11.36 -14.97
N GLN G 79 -7.71 -11.62 -16.03
CA GLN G 79 -7.19 -12.35 -17.17
C GLN G 79 -8.14 -12.18 -18.34
N LYS G 80 -7.66 -12.56 -19.52
CA LYS G 80 -8.50 -12.64 -20.71
C LYS G 80 -8.09 -13.85 -21.52
N THR G 81 -9.06 -14.69 -21.86
CA THR G 81 -8.81 -15.88 -22.65
C THR G 81 -9.59 -15.80 -23.95
N VAL G 82 -8.90 -16.12 -25.05
CA VAL G 82 -9.52 -16.16 -26.37
C VAL G 82 -9.49 -17.59 -26.86
N GLU G 83 -10.67 -18.16 -27.13
CA GLU G 83 -10.81 -19.54 -27.56
C GLU G 83 -10.26 -20.50 -26.51
N GLY G 84 -10.79 -20.40 -25.29
CA GLY G 84 -10.41 -21.31 -24.23
C GLY G 84 -11.33 -21.15 -23.04
N ALA G 85 -11.26 -22.12 -22.15
CA ALA G 85 -12.09 -22.16 -20.96
C ALA G 85 -11.27 -21.63 -19.78
N GLY G 86 -11.45 -20.36 -19.45
CA GLY G 86 -10.68 -19.71 -18.42
C GLY G 86 -11.45 -19.56 -17.13
N SER G 87 -10.95 -20.20 -16.08
CA SER G 87 -11.56 -20.18 -14.76
C SER G 87 -10.58 -19.56 -13.77
N ILE G 88 -11.03 -18.53 -13.06
CA ILE G 88 -10.11 -17.80 -12.17
C ILE G 88 -9.74 -18.66 -10.98
N ALA G 89 -10.73 -19.03 -10.17
CA ALA G 89 -10.50 -19.84 -8.97
C ALA G 89 -11.44 -21.04 -9.03
N ALA G 90 -11.02 -22.09 -9.72
CA ALA G 90 -11.75 -23.34 -9.76
C ALA G 90 -11.25 -24.27 -8.66
N ALA G 91 -12.08 -25.24 -8.29
CA ALA G 91 -11.72 -26.22 -7.28
C ALA G 91 -12.49 -27.51 -7.58
N THR G 92 -11.82 -28.45 -8.24
CA THR G 92 -12.37 -29.76 -8.52
C THR G 92 -11.75 -30.75 -7.54
N GLY G 93 -12.57 -31.26 -6.63
CA GLY G 93 -12.06 -32.11 -5.57
C GLY G 93 -11.53 -33.44 -6.05
N PHE G 94 -11.92 -33.88 -7.24
CA PHE G 94 -11.51 -35.17 -7.78
C PHE G 94 -12.02 -35.28 -9.21
N VAL G 95 -11.30 -36.07 -10.01
CA VAL G 95 -11.76 -36.45 -11.34
C VAL G 95 -11.42 -37.93 -11.52
N LYS G 96 -12.43 -38.74 -11.85
CA LYS G 96 -12.25 -40.18 -11.94
C LYS G 96 -12.91 -40.70 -13.20
N LYS G 97 -12.13 -41.41 -14.03
CA LYS G 97 -12.65 -42.11 -15.21
C LYS G 97 -12.05 -43.51 -15.19
N ASP G 98 -12.74 -44.43 -14.53
CA ASP G 98 -12.24 -45.80 -14.39
C ASP G 98 -12.78 -46.66 -15.51
N GLN G 99 -11.99 -47.66 -15.90
CA GLN G 99 -12.40 -48.62 -16.92
C GLN G 99 -11.91 -50.02 -16.57
#